data_4A2P
#
_entry.id   4A2P
#
_cell.length_a   192.130
_cell.length_b   192.130
_cell.length_c   48.980
_cell.angle_alpha   90.00
_cell.angle_beta   90.00
_cell.angle_gamma   120.00
#
_symmetry.space_group_name_H-M   'H 3'
#
_entity_poly.entity_id   1
_entity_poly.type   'polypeptide(L)'
_entity_poly.pdbx_seq_one_letter_code
;GAMETKKARSYQIELAQPAINGKNALICAPTGSGKTFVSILICEHHFQNMPAGRKAKVVFLATKVPVYEQQKNVFKHHFE
RQGYSVQGISGENFSNVSVEKVIEDSDIIVVTPQILVNSFEDGTLTSLSIFTLMIFDECHNTTGNHPYNVLMTRYLEQKF
NSASQLPQILGLTASVGVGNAKNIEETIEHICSLCSYLDIQAISTVRENIQELQRFMNKPEIDVRLVKRRIHNPFAAIIS
NLMSETEALMRTIYSVDTLSQNSKKDFGTQNYEHWIVVTQRKCRLLQLEDKEEESRICRALFICTEHLRKYNDALIISED
ARIIDALSYLTEFFTNVKNGPYTELEQHLTAKFQEKEPELIALSKDETNENPKLEELVCILDDAYRYNPQTRTLLFAKTR
ALVSALKKCMEENPILNYIKPGVLMGRGRRDQTTGMTLPSQKGVLDAFKTSKDNRLLIATSVADEGIDIVQCNLVVLYEY
SGNVTKMIQVRGRGRAAGSKCILVTSKTEVVENEKCNRYKEEMMNKAVEKIQKWDEETFAKKIHNLQMKERVLRDS
;
_entity_poly.pdbx_strand_id   A
#
# COMPACT_ATOMS: atom_id res chain seq x y z
N ALA A 8 13.18 13.52 -22.95
CA ALA A 8 12.60 12.15 -23.01
C ALA A 8 13.71 11.08 -23.02
N ARG A 9 13.70 10.22 -22.01
CA ARG A 9 14.78 9.26 -21.80
C ARG A 9 14.76 8.14 -22.84
N SER A 10 15.85 7.39 -22.92
CA SER A 10 15.96 6.33 -23.92
C SER A 10 14.92 5.24 -23.64
N TYR A 11 14.87 4.77 -22.39
CA TYR A 11 13.92 3.72 -22.01
C TYR A 11 12.49 4.19 -22.22
N GLN A 12 12.22 5.45 -21.92
CA GLN A 12 10.92 6.02 -22.20
C GLN A 12 10.59 5.86 -23.68
N ILE A 13 11.54 6.15 -24.55
CA ILE A 13 11.30 6.05 -25.98
C ILE A 13 11.20 4.60 -26.43
N GLU A 14 11.99 3.73 -25.78
CA GLU A 14 11.90 2.30 -26.05
C GLU A 14 10.50 1.79 -25.73
N LEU A 15 10.03 2.20 -24.55
CA LEU A 15 8.71 1.81 -24.05
C LEU A 15 7.58 2.15 -25.02
N ALA A 16 7.63 3.33 -25.64
CA ALA A 16 6.52 3.80 -26.49
C ALA A 16 6.57 3.32 -27.94
N GLN A 17 7.60 2.59 -28.34
CA GLN A 17 7.76 2.18 -29.74
C GLN A 17 6.50 1.50 -30.26
N PRO A 18 6.18 0.31 -29.72
CA PRO A 18 5.07 -0.43 -30.32
C PRO A 18 3.78 0.37 -30.40
N ALA A 19 3.47 1.13 -29.36
CA ALA A 19 2.25 1.94 -29.38
C ALA A 19 2.35 3.01 -30.45
N ILE A 20 3.51 3.65 -30.53
CA ILE A 20 3.78 4.61 -31.61
C ILE A 20 3.56 3.94 -32.96
N ASN A 21 3.97 2.69 -33.08
CA ASN A 21 3.76 1.94 -34.31
C ASN A 21 2.35 1.36 -34.43
N GLY A 22 1.37 2.03 -33.83
CA GLY A 22 -0.04 1.68 -34.04
C GLY A 22 -0.59 0.53 -33.22
N LYS A 23 0.27 -0.28 -32.61
CA LYS A 23 -0.15 -1.50 -31.93
C LYS A 23 -0.74 -1.25 -30.54
N ASN A 24 -1.76 -2.02 -30.17
CA ASN A 24 -2.25 -2.04 -28.80
C ASN A 24 -1.15 -2.60 -27.91
N ALA A 25 -0.68 -1.78 -26.99
CA ALA A 25 0.48 -2.15 -26.21
C ALA A 25 0.17 -2.05 -24.74
N LEU A 26 0.78 -2.93 -23.96
CA LEU A 26 0.70 -2.87 -22.53
C LEU A 26 2.09 -2.53 -22.08
N ILE A 27 2.25 -1.30 -21.59
CA ILE A 27 3.49 -0.81 -21.00
C ILE A 27 3.60 -1.35 -19.58
N CYS A 28 4.64 -2.13 -19.31
CA CYS A 28 4.89 -2.60 -17.95
C CYS A 28 6.23 -2.07 -17.48
N ALA A 29 6.19 -1.12 -16.54
CA ALA A 29 7.41 -0.47 -16.05
C ALA A 29 7.22 0.00 -14.61
N PRO A 30 8.29 -0.04 -13.79
CA PRO A 30 8.20 0.30 -12.36
C PRO A 30 7.51 1.63 -12.06
N THR A 31 6.87 1.74 -10.90
CA THR A 31 6.27 3.00 -10.46
C THR A 31 7.36 4.06 -10.40
N GLY A 32 7.03 5.27 -10.84
CA GLY A 32 7.98 6.37 -10.88
C GLY A 32 9.02 6.31 -11.99
N SER A 33 8.76 5.55 -13.05
CA SER A 33 9.61 5.59 -14.25
C SER A 33 9.00 6.50 -15.34
N GLY A 34 7.92 7.20 -15.01
CA GLY A 34 7.26 8.11 -15.95
C GLY A 34 6.48 7.45 -17.06
N LYS A 35 5.68 6.44 -16.71
CA LYS A 35 4.78 5.80 -17.67
C LYS A 35 3.76 6.81 -18.21
N THR A 36 3.26 7.72 -17.38
CA THR A 36 2.29 8.70 -17.87
C THR A 36 2.93 9.57 -18.94
N PHE A 37 4.17 9.98 -18.70
CA PHE A 37 4.92 10.72 -19.70
C PHE A 37 5.05 9.89 -20.97
N VAL A 38 5.43 8.62 -20.83
CA VAL A 38 5.46 7.74 -22.00
C VAL A 38 4.10 7.72 -22.69
N SER A 39 3.01 7.88 -21.92
CA SER A 39 1.70 7.94 -22.55
C SER A 39 1.55 9.26 -23.34
N ILE A 40 2.00 10.39 -22.79
CA ILE A 40 1.79 11.67 -23.49
C ILE A 40 2.67 11.72 -24.74
N LEU A 41 3.85 11.12 -24.65
CA LEU A 41 4.68 10.89 -25.82
C LEU A 41 3.86 10.20 -26.91
N ILE A 42 3.18 9.11 -26.53
CA ILE A 42 2.37 8.33 -27.45
C ILE A 42 1.23 9.17 -28.01
N CYS A 43 0.65 10.02 -27.17
CA CYS A 43 -0.44 10.87 -27.62
C CYS A 43 0.03 11.82 -28.70
N GLU A 44 1.04 12.61 -28.42
CA GLU A 44 1.45 13.59 -29.42
C GLU A 44 1.80 12.91 -30.76
N HIS A 45 2.51 11.79 -30.73
CA HIS A 45 2.70 10.98 -31.95
C HIS A 45 1.40 10.42 -32.50
N HIS A 46 0.41 10.22 -31.64
CA HIS A 46 -0.91 9.81 -32.10
C HIS A 46 -1.48 10.91 -32.95
N PHE A 47 -1.54 12.12 -32.39
CA PHE A 47 -2.08 13.27 -33.11
C PHE A 47 -1.30 13.60 -34.37
N GLN A 48 0.02 13.45 -34.32
CA GLN A 48 0.87 13.84 -35.45
C GLN A 48 0.57 12.98 -36.68
N ASN A 49 0.50 11.67 -36.49
CA ASN A 49 0.38 10.73 -37.60
C ASN A 49 -1.06 10.22 -37.78
N MET A 50 -2.03 11.12 -37.71
CA MET A 50 -3.46 10.75 -37.84
C MET A 50 -4.01 11.10 -39.23
N PRO A 51 -4.32 10.06 -40.03
CA PRO A 51 -4.77 10.27 -41.41
C PRO A 51 -6.28 10.50 -41.53
N ALA A 52 -6.75 10.64 -42.78
CA ALA A 52 -8.16 10.76 -43.10
C ALA A 52 -8.76 12.06 -42.57
N GLY A 53 -10.05 12.26 -42.85
CA GLY A 53 -10.81 13.37 -42.29
C GLY A 53 -11.23 13.08 -40.86
N ARG A 54 -11.07 11.83 -40.46
CA ARG A 54 -11.24 11.40 -39.07
C ARG A 54 -10.41 12.23 -38.09
N LYS A 55 -11.04 12.68 -37.01
CA LYS A 55 -10.38 13.40 -35.92
C LYS A 55 -10.16 12.49 -34.72
N ALA A 56 -8.97 12.59 -34.12
CA ALA A 56 -8.59 11.79 -32.96
C ALA A 56 -9.29 12.24 -31.68
N LYS A 57 -9.49 11.29 -30.78
CA LYS A 57 -9.94 11.57 -29.42
C LYS A 57 -9.27 10.59 -28.48
N VAL A 58 -8.89 11.08 -27.31
CA VAL A 58 -8.11 10.30 -26.37
C VAL A 58 -8.75 10.32 -25.01
N VAL A 59 -8.84 9.14 -24.39
CA VAL A 59 -9.35 9.02 -23.03
C VAL A 59 -8.23 8.52 -22.16
N PHE A 60 -8.03 9.18 -21.04
CA PHE A 60 -7.12 8.67 -20.03
C PHE A 60 -7.95 8.28 -18.82
N LEU A 61 -8.25 7.00 -18.71
CA LEU A 61 -8.98 6.47 -17.57
C LEU A 61 -8.05 6.40 -16.37
N ALA A 62 -8.58 6.67 -15.17
CA ALA A 62 -7.80 6.61 -13.93
C ALA A 62 -8.63 5.98 -12.81
N THR A 63 -8.03 5.06 -12.07
CA THR A 63 -8.75 4.22 -11.10
C THR A 63 -9.22 5.00 -9.87
N LYS A 64 -8.30 5.75 -9.26
CA LYS A 64 -8.59 6.51 -8.04
C LYS A 64 -8.72 7.99 -8.37
N VAL A 65 -9.70 8.65 -7.73
CA VAL A 65 -9.96 10.08 -8.02
C VAL A 65 -8.85 11.05 -7.59
N PRO A 66 -8.06 10.72 -6.53
CA PRO A 66 -6.93 11.62 -6.26
C PRO A 66 -5.92 11.64 -7.40
N VAL A 67 -5.58 10.46 -7.91
CA VAL A 67 -4.73 10.33 -9.10
C VAL A 67 -5.37 11.07 -10.27
N TYR A 68 -6.64 10.76 -10.52
CA TYR A 68 -7.39 11.34 -11.65
C TYR A 68 -7.19 12.86 -11.81
N GLU A 69 -7.12 13.58 -10.70
CA GLU A 69 -6.92 15.03 -10.74
C GLU A 69 -5.49 15.44 -11.11
N GLN A 70 -4.50 14.69 -10.63
CA GLN A 70 -3.10 14.92 -11.02
C GLN A 70 -2.89 14.69 -12.52
N GLN A 71 -3.63 13.75 -13.09
CA GLN A 71 -3.52 13.38 -14.50
C GLN A 71 -4.31 14.35 -15.38
N LYS A 72 -5.48 14.76 -14.90
CA LYS A 72 -6.23 15.83 -15.57
C LYS A 72 -5.30 17.02 -15.74
N ASN A 73 -4.75 17.51 -14.63
CA ASN A 73 -3.85 18.66 -14.65
C ASN A 73 -2.63 18.41 -15.54
N VAL A 74 -1.95 17.29 -15.35
CA VAL A 74 -0.80 16.98 -16.19
C VAL A 74 -1.13 16.98 -17.70
N PHE A 75 -2.26 16.40 -18.08
CA PHE A 75 -2.67 16.40 -19.48
C PHE A 75 -3.10 17.80 -19.96
N LYS A 76 -3.81 18.54 -19.10
CA LYS A 76 -4.12 19.95 -19.37
C LYS A 76 -2.82 20.71 -19.65
N HIS A 77 -1.92 20.68 -18.67
CA HIS A 77 -0.70 21.48 -18.68
C HIS A 77 0.15 21.24 -19.90
N HIS A 78 0.10 20.04 -20.45
CA HIS A 78 0.97 19.67 -21.58
C HIS A 78 0.34 19.99 -22.90
N PHE A 79 -0.97 19.84 -23.01
CA PHE A 79 -1.63 19.80 -24.31
C PHE A 79 -2.46 21.05 -24.66
N GLU A 80 -2.98 21.74 -23.66
CA GLU A 80 -3.79 22.95 -23.91
C GLU A 80 -2.97 24.05 -24.60
N ARG A 81 -1.70 24.15 -24.26
CA ARG A 81 -0.79 25.11 -24.87
C ARG A 81 -0.48 24.79 -26.35
N GLN A 82 -0.72 23.53 -26.76
CA GLN A 82 -0.51 23.12 -28.15
C GLN A 82 -1.84 23.16 -28.94
N GLY A 83 -2.86 23.78 -28.37
CA GLY A 83 -4.11 24.05 -29.09
C GLY A 83 -5.17 22.98 -29.00
N TYR A 84 -5.03 22.06 -28.03
CA TYR A 84 -5.97 20.95 -27.84
C TYR A 84 -6.90 21.22 -26.67
N SER A 85 -8.17 20.88 -26.83
CA SER A 85 -9.12 20.99 -25.74
C SER A 85 -9.04 19.73 -24.88
N VAL A 86 -8.85 19.92 -23.58
CA VAL A 86 -8.70 18.80 -22.65
C VAL A 86 -9.60 19.02 -21.45
N GLN A 87 -10.78 18.40 -21.47
CA GLN A 87 -11.66 18.41 -20.31
C GLN A 87 -11.44 17.18 -19.45
N GLY A 88 -11.82 17.29 -18.18
CA GLY A 88 -11.66 16.20 -17.21
C GLY A 88 -12.94 15.92 -16.47
N ILE A 89 -13.69 14.91 -16.88
CA ILE A 89 -14.97 14.59 -16.28
C ILE A 89 -14.79 13.76 -15.01
N SER A 90 -15.61 14.03 -14.00
CA SER A 90 -15.46 13.40 -12.70
C SER A 90 -16.81 13.21 -12.00
N GLY A 91 -16.79 12.42 -10.93
CA GLY A 91 -17.97 12.18 -10.09
C GLY A 91 -18.67 13.48 -9.71
N GLU A 92 -17.89 14.49 -9.37
CA GLU A 92 -18.42 15.84 -9.11
C GLU A 92 -18.86 16.48 -10.43
N SER A 98 -22.89 16.92 -18.99
CA SER A 98 -23.26 16.04 -20.09
C SER A 98 -22.03 15.44 -20.75
N VAL A 99 -21.88 14.12 -20.62
CA VAL A 99 -20.76 13.41 -21.25
C VAL A 99 -20.85 13.50 -22.77
N GLU A 100 -22.07 13.62 -23.30
CA GLU A 100 -22.28 13.78 -24.74
C GLU A 100 -21.39 14.89 -25.28
N LYS A 101 -21.48 16.06 -24.66
CA LYS A 101 -20.85 17.28 -25.15
C LYS A 101 -19.36 17.25 -24.83
N VAL A 102 -19.05 17.05 -23.55
CA VAL A 102 -17.67 17.06 -23.06
C VAL A 102 -16.77 16.18 -23.93
N ILE A 103 -17.27 15.00 -24.30
CA ILE A 103 -16.57 14.12 -25.23
C ILE A 103 -16.51 14.74 -26.62
N GLU A 104 -17.64 15.26 -27.10
CA GLU A 104 -17.70 15.86 -28.44
C GLU A 104 -16.73 17.02 -28.61
N ASP A 105 -16.74 17.94 -27.64
CA ASP A 105 -15.92 19.15 -27.69
C ASP A 105 -14.43 18.86 -27.60
N SER A 106 -14.03 18.15 -26.54
CA SER A 106 -12.64 17.95 -26.18
C SER A 106 -11.86 17.01 -27.11
N ASP A 107 -10.54 17.19 -27.17
CA ASP A 107 -9.65 16.27 -27.87
C ASP A 107 -9.10 15.20 -26.92
N ILE A 108 -9.05 15.53 -25.64
CA ILE A 108 -8.49 14.63 -24.63
C ILE A 108 -9.36 14.67 -23.38
N ILE A 109 -9.80 13.49 -22.93
CA ILE A 109 -10.71 13.40 -21.81
C ILE A 109 -10.08 12.53 -20.74
N VAL A 110 -9.83 13.13 -19.58
CA VAL A 110 -9.36 12.37 -18.43
C VAL A 110 -10.59 12.05 -17.61
N VAL A 111 -10.79 10.77 -17.33
CA VAL A 111 -12.04 10.30 -16.77
C VAL A 111 -11.79 9.22 -15.73
N THR A 112 -12.78 9.00 -14.88
CA THR A 112 -12.84 7.80 -14.06
C THR A 112 -13.67 6.79 -14.83
N PRO A 113 -13.32 5.50 -14.75
CA PRO A 113 -14.02 4.54 -15.59
C PRO A 113 -15.49 4.37 -15.23
N GLN A 114 -15.79 4.36 -13.93
CA GLN A 114 -17.17 4.16 -13.45
C GLN A 114 -18.14 5.10 -14.17
N ILE A 115 -17.74 6.35 -14.34
CA ILE A 115 -18.58 7.36 -14.98
C ILE A 115 -18.75 7.07 -16.49
N LEU A 116 -17.68 6.66 -17.15
CA LEU A 116 -17.77 6.21 -18.55
C LEU A 116 -18.64 4.96 -18.64
N VAL A 117 -18.49 4.06 -17.65
CA VAL A 117 -19.33 2.87 -17.54
C VAL A 117 -20.79 3.28 -17.38
N ASN A 118 -21.05 4.16 -16.42
CA ASN A 118 -22.41 4.66 -16.19
C ASN A 118 -23.03 5.13 -17.50
N SER A 119 -22.41 6.09 -18.17
CA SER A 119 -22.97 6.68 -19.39
C SER A 119 -23.15 5.69 -20.56
N PHE A 120 -22.68 4.46 -20.38
CA PHE A 120 -22.93 3.41 -21.37
C PHE A 120 -24.15 2.56 -20.99
N GLU A 121 -24.25 2.20 -19.72
CA GLU A 121 -25.42 1.49 -19.19
C GLU A 121 -26.59 2.46 -18.94
N ASP A 122 -26.27 3.74 -18.80
CA ASP A 122 -27.26 4.80 -18.70
C ASP A 122 -27.93 5.04 -20.06
N GLY A 123 -27.21 4.72 -21.14
CA GLY A 123 -27.73 4.86 -22.51
C GLY A 123 -27.17 6.04 -23.27
N THR A 124 -26.75 7.07 -22.52
CA THR A 124 -26.25 8.34 -23.07
C THR A 124 -25.24 8.14 -24.21
N LEU A 125 -24.28 7.26 -23.98
CA LEU A 125 -23.28 6.93 -24.99
C LEU A 125 -23.31 5.44 -25.28
N THR A 126 -23.19 5.08 -26.56
CA THR A 126 -23.31 3.69 -26.99
C THR A 126 -22.39 3.35 -28.18
N SER A 127 -21.20 3.96 -28.19
CA SER A 127 -20.15 3.60 -29.15
C SER A 127 -18.79 4.06 -28.63
N LEU A 128 -17.78 3.20 -28.73
CA LEU A 128 -16.40 3.58 -28.40
C LEU A 128 -15.62 3.99 -29.66
N SER A 129 -16.29 4.10 -30.80
CA SER A 129 -15.66 4.59 -32.04
C SER A 129 -15.27 6.05 -31.89
N ILE A 130 -16.03 6.77 -31.05
CA ILE A 130 -15.73 8.14 -30.64
C ILE A 130 -14.23 8.35 -30.42
N PHE A 131 -13.65 7.46 -29.64
CA PHE A 131 -12.23 7.53 -29.27
C PHE A 131 -11.36 6.85 -30.31
N THR A 132 -10.19 7.45 -30.58
CA THR A 132 -9.13 6.82 -31.38
C THR A 132 -8.08 6.12 -30.51
N LEU A 133 -8.02 6.50 -29.23
CA LEU A 133 -6.99 5.99 -28.32
C LEU A 133 -7.48 6.03 -26.89
N MET A 134 -7.50 4.87 -26.23
CA MET A 134 -7.92 4.74 -24.84
C MET A 134 -6.73 4.31 -23.99
N ILE A 135 -6.37 5.11 -23.00
CA ILE A 135 -5.25 4.81 -22.14
C ILE A 135 -5.76 4.38 -20.78
N PHE A 136 -5.37 3.18 -20.37
CA PHE A 136 -5.80 2.63 -19.10
C PHE A 136 -4.67 2.74 -18.09
N ASP A 137 -4.85 3.59 -17.08
CA ASP A 137 -3.91 3.62 -15.96
C ASP A 137 -4.16 2.41 -15.05
N GLU A 138 -3.10 1.82 -14.51
CA GLU A 138 -3.24 0.66 -13.64
C GLU A 138 -4.13 -0.42 -14.30
N CYS A 139 -3.71 -0.88 -15.47
CA CYS A 139 -4.55 -1.73 -16.32
C CYS A 139 -4.78 -3.15 -15.79
N HIS A 140 -3.86 -3.67 -15.00
CA HIS A 140 -4.02 -4.97 -14.33
C HIS A 140 -5.31 -5.14 -13.56
N ASN A 141 -6.01 -4.05 -13.25
CA ASN A 141 -7.34 -4.15 -12.64
C ASN A 141 -8.42 -4.57 -13.63
N THR A 142 -8.09 -4.70 -14.91
CA THR A 142 -9.08 -5.17 -15.90
C THR A 142 -9.40 -6.65 -15.67
N THR A 143 -10.25 -6.91 -14.67
CA THR A 143 -10.63 -8.28 -14.30
C THR A 143 -11.88 -8.28 -13.43
N GLY A 144 -12.79 -9.22 -13.72
CA GLY A 144 -14.00 -9.37 -12.93
C GLY A 144 -14.94 -8.19 -13.08
N ASN A 145 -15.36 -7.63 -11.95
CA ASN A 145 -16.32 -6.51 -11.94
C ASN A 145 -15.65 -5.14 -11.75
N HIS A 146 -14.43 -5.00 -12.27
CA HIS A 146 -13.77 -3.71 -12.34
C HIS A 146 -14.21 -3.02 -13.60
N PRO A 147 -14.50 -1.70 -13.53
CA PRO A 147 -15.17 -1.06 -14.66
C PRO A 147 -14.41 -1.08 -15.99
N TYR A 148 -13.08 -1.26 -15.95
CA TYR A 148 -12.29 -1.42 -17.17
C TYR A 148 -12.76 -2.61 -17.97
N ASN A 149 -12.99 -3.71 -17.26
CA ASN A 149 -13.44 -4.96 -17.88
C ASN A 149 -14.75 -4.75 -18.62
N VAL A 150 -15.69 -4.09 -17.97
CA VAL A 150 -16.97 -3.75 -18.60
C VAL A 150 -16.71 -2.97 -19.89
N LEU A 151 -15.97 -1.87 -19.76
CA LEU A 151 -15.62 -1.03 -20.90
C LEU A 151 -14.98 -1.86 -22.00
N MET A 152 -14.07 -2.75 -21.59
CA MET A 152 -13.42 -3.61 -22.55
C MET A 152 -14.34 -4.73 -23.05
N THR A 153 -15.20 -5.25 -22.17
CA THR A 153 -16.20 -6.23 -22.58
C THR A 153 -16.99 -5.63 -23.72
N ARG A 154 -17.46 -4.39 -23.53
CA ARG A 154 -18.13 -3.68 -24.63
C ARG A 154 -17.22 -3.51 -25.83
N TYR A 155 -15.97 -3.12 -25.60
CA TYR A 155 -15.01 -3.02 -26.69
C TYR A 155 -15.02 -4.32 -27.46
N LEU A 156 -14.91 -5.42 -26.73
CA LEU A 156 -14.84 -6.75 -27.34
C LEU A 156 -16.15 -7.13 -28.04
N GLU A 157 -17.29 -6.67 -27.53
CA GLU A 157 -18.55 -6.80 -28.27
C GLU A 157 -18.38 -6.18 -29.66
N GLN A 158 -18.02 -4.91 -29.69
CA GLN A 158 -17.97 -4.15 -30.95
C GLN A 158 -16.85 -4.60 -31.89
N LYS A 159 -15.94 -5.43 -31.38
CA LYS A 159 -14.86 -5.98 -32.18
C LYS A 159 -15.39 -7.00 -33.18
N PHE A 160 -15.96 -8.08 -32.67
CA PHE A 160 -16.34 -9.23 -33.49
C PHE A 160 -17.50 -8.92 -34.43
N ASN A 161 -18.58 -8.38 -33.87
CA ASN A 161 -19.76 -8.03 -34.65
C ASN A 161 -19.44 -7.04 -35.78
N SER A 162 -19.26 -5.77 -35.44
CA SER A 162 -18.97 -4.76 -36.46
C SER A 162 -17.47 -4.74 -36.76
N LEU A 166 -12.68 0.78 -33.87
CA LEU A 166 -12.07 0.54 -32.57
C LEU A 166 -10.92 1.51 -32.26
N PRO A 167 -10.86 1.99 -31.00
CA PRO A 167 -9.72 2.78 -30.57
C PRO A 167 -8.47 1.92 -30.37
N GLN A 168 -7.32 2.55 -30.50
CA GLN A 168 -6.08 1.90 -30.15
C GLN A 168 -6.07 1.78 -28.63
N ILE A 169 -5.59 0.66 -28.12
CA ILE A 169 -5.57 0.47 -26.68
C ILE A 169 -4.15 0.62 -26.15
N LEU A 170 -4.03 1.35 -25.04
CA LEU A 170 -2.77 1.43 -24.34
C LEU A 170 -3.09 1.24 -22.88
N GLY A 171 -2.32 0.40 -22.21
CA GLY A 171 -2.53 0.13 -20.80
C GLY A 171 -1.21 0.29 -20.11
N LEU A 172 -1.24 0.85 -18.90
CA LEU A 172 -0.04 1.17 -18.17
C LEU A 172 -0.12 0.52 -16.81
N THR A 173 0.91 -0.22 -16.45
CA THR A 173 0.95 -0.89 -15.16
C THR A 173 2.37 -1.03 -14.66
N ALA A 174 2.54 -0.94 -13.34
CA ALA A 174 3.82 -1.26 -12.73
C ALA A 174 4.04 -2.76 -12.68
N SER A 175 2.96 -3.54 -12.55
CA SER A 175 3.04 -5.00 -12.51
C SER A 175 1.83 -5.70 -13.14
N VAL A 176 2.11 -6.61 -14.06
CA VAL A 176 1.08 -7.42 -14.70
C VAL A 176 0.57 -8.45 -13.70
N GLY A 177 1.43 -8.82 -12.76
CA GLY A 177 1.07 -9.74 -11.70
C GLY A 177 1.15 -11.19 -12.16
N VAL A 178 0.73 -12.09 -11.28
CA VAL A 178 0.84 -13.53 -11.54
C VAL A 178 -0.37 -14.31 -11.04
N GLY A 179 -1.51 -13.65 -10.84
CA GLY A 179 -2.70 -14.30 -10.29
C GLY A 179 -2.40 -15.34 -9.22
N ASN A 180 -2.96 -16.54 -9.38
CA ASN A 180 -2.66 -17.67 -8.50
C ASN A 180 -1.83 -18.72 -9.23
N ALA A 181 -0.87 -18.26 -10.02
CA ALA A 181 -0.07 -19.15 -10.85
C ALA A 181 0.86 -19.97 -9.99
N LYS A 182 1.17 -21.17 -10.46
CA LYS A 182 2.05 -22.11 -9.77
C LYS A 182 3.47 -21.98 -10.32
N ASN A 183 3.58 -21.93 -11.64
CA ASN A 183 4.86 -21.89 -12.34
C ASN A 183 4.83 -20.93 -13.53
N ILE A 184 6.00 -20.68 -14.13
CA ILE A 184 6.11 -19.73 -15.23
C ILE A 184 5.04 -20.00 -16.27
N GLU A 185 4.84 -21.26 -16.61
CA GLU A 185 3.90 -21.63 -17.66
C GLU A 185 2.47 -21.30 -17.26
N GLU A 186 2.15 -21.46 -15.97
CA GLU A 186 0.86 -20.99 -15.45
C GLU A 186 0.80 -19.46 -15.39
N THR A 187 1.94 -18.83 -15.13
CA THR A 187 2.04 -17.37 -15.14
C THR A 187 1.82 -16.79 -16.54
N ILE A 188 2.48 -17.38 -17.54
CA ILE A 188 2.24 -16.99 -18.92
C ILE A 188 0.75 -16.94 -19.23
N GLU A 189 0.03 -17.96 -18.80
CA GLU A 189 -1.39 -18.06 -19.13
C GLU A 189 -2.16 -16.89 -18.51
N HIS A 190 -1.72 -16.44 -17.34
CA HIS A 190 -2.34 -15.33 -16.64
C HIS A 190 -2.15 -14.06 -17.42
N ILE A 191 -0.89 -13.79 -17.74
CA ILE A 191 -0.51 -12.57 -18.47
C ILE A 191 -1.22 -12.49 -19.82
N CYS A 192 -1.27 -13.63 -20.52
CA CYS A 192 -1.96 -13.70 -21.80
C CYS A 192 -3.47 -13.55 -21.63
N SER A 193 -3.99 -14.03 -20.51
CA SER A 193 -5.41 -13.89 -20.22
C SER A 193 -5.70 -12.43 -20.03
N LEU A 194 -4.92 -11.78 -19.17
CA LEU A 194 -4.98 -10.33 -18.99
C LEU A 194 -4.87 -9.61 -20.32
N CYS A 195 -3.83 -9.96 -21.10
CA CYS A 195 -3.62 -9.35 -22.39
C CYS A 195 -4.86 -9.49 -23.27
N SER A 196 -5.52 -10.64 -23.18
CA SER A 196 -6.75 -10.85 -23.94
C SER A 196 -7.87 -9.88 -23.51
N TYR A 197 -7.95 -9.56 -22.23
CA TYR A 197 -9.00 -8.63 -21.74
C TYR A 197 -8.83 -7.19 -22.26
N LEU A 198 -7.60 -6.76 -22.54
CA LEU A 198 -7.32 -5.39 -23.03
C LEU A 198 -7.07 -5.34 -24.54
N ASP A 199 -7.20 -6.48 -25.20
CA ASP A 199 -6.90 -6.61 -26.62
C ASP A 199 -5.47 -6.16 -26.93
N ILE A 200 -4.53 -6.65 -26.14
CA ILE A 200 -3.12 -6.25 -26.28
C ILE A 200 -2.48 -7.00 -27.43
N GLN A 201 -1.74 -6.26 -28.25
CA GLN A 201 -0.97 -6.83 -29.35
C GLN A 201 0.51 -6.86 -29.03
N ALA A 202 0.95 -6.14 -27.99
CA ALA A 202 2.38 -6.07 -27.62
C ALA A 202 2.60 -5.86 -26.11
N ILE A 203 3.63 -6.49 -25.56
CA ILE A 203 3.99 -6.27 -24.17
C ILE A 203 5.31 -5.53 -24.15
N SER A 204 5.27 -4.25 -23.80
CA SER A 204 6.46 -3.40 -23.87
C SER A 204 7.10 -3.24 -22.50
N THR A 205 8.37 -3.63 -22.41
CA THR A 205 9.17 -3.41 -21.22
C THR A 205 10.54 -2.93 -21.63
N VAL A 206 11.29 -2.38 -20.68
CA VAL A 206 12.63 -1.91 -20.95
C VAL A 206 13.60 -3.10 -21.05
N ARG A 207 14.20 -3.24 -22.22
CA ARG A 207 15.17 -4.30 -22.48
C ARG A 207 16.49 -3.70 -22.97
N GLU A 208 16.41 -2.83 -23.95
CA GLU A 208 17.59 -2.19 -24.54
C GLU A 208 18.07 -0.94 -23.75
N ASN A 209 17.68 -0.82 -22.48
CA ASN A 209 18.03 0.35 -21.67
C ASN A 209 17.90 0.08 -20.17
N ILE A 210 18.23 -1.14 -19.74
CA ILE A 210 18.03 -1.55 -18.35
C ILE A 210 19.00 -0.80 -17.45
N GLN A 211 20.19 -0.57 -17.99
CA GLN A 211 21.19 0.31 -17.37
C GLN A 211 20.54 1.63 -16.96
N GLU A 212 20.03 2.34 -17.96
CA GLU A 212 19.48 3.68 -17.77
C GLU A 212 18.36 3.70 -16.74
N LEU A 213 17.43 2.76 -16.89
CA LEU A 213 16.24 2.70 -16.05
C LEU A 213 16.64 2.47 -14.59
N GLN A 214 17.58 1.55 -14.36
CA GLN A 214 18.04 1.25 -13.00
C GLN A 214 18.64 2.48 -12.33
N ARG A 215 19.59 3.12 -13.03
CA ARG A 215 20.19 4.37 -12.54
C ARG A 215 19.12 5.35 -12.15
N PHE A 216 18.11 5.50 -13.00
CA PHE A 216 17.07 6.52 -12.80
C PHE A 216 16.23 6.36 -11.54
N MET A 217 16.18 5.15 -11.00
CA MET A 217 15.48 4.94 -9.74
C MET A 217 16.16 3.82 -8.95
N ASN A 218 17.15 4.21 -8.15
CA ASN A 218 17.88 3.26 -7.33
C ASN A 218 16.98 2.51 -6.36
N LYS A 219 16.41 1.41 -6.85
CA LYS A 219 15.64 0.50 -6.02
C LYS A 219 16.53 0.06 -4.87
N PRO A 220 16.16 0.45 -3.63
CA PRO A 220 17.03 0.13 -2.51
C PRO A 220 16.94 -1.34 -2.10
N GLU A 221 18.10 -1.99 -2.00
CA GLU A 221 18.20 -3.32 -1.41
C GLU A 221 17.44 -3.38 -0.08
N ILE A 222 16.53 -4.33 0.05
CA ILE A 222 15.76 -4.51 1.28
C ILE A 222 16.34 -5.67 2.09
N ASP A 223 17.06 -5.34 3.16
CA ASP A 223 17.59 -6.32 4.10
C ASP A 223 16.48 -6.80 5.02
N VAL A 224 16.21 -8.10 4.99
CA VAL A 224 15.24 -8.68 5.89
C VAL A 224 15.99 -9.42 6.99
N ARG A 225 15.99 -8.86 8.20
CA ARG A 225 16.68 -9.48 9.32
C ARG A 225 15.66 -10.05 10.30
N LEU A 226 15.57 -11.38 10.35
CA LEU A 226 14.72 -12.05 11.30
C LEU A 226 15.44 -12.05 12.63
N VAL A 227 14.78 -11.57 13.67
CA VAL A 227 15.40 -11.42 14.98
C VAL A 227 14.67 -12.27 16.01
N LYS A 228 15.41 -12.68 17.03
CA LYS A 228 14.87 -13.48 18.12
C LYS A 228 13.97 -12.64 19.02
N ARG A 229 12.80 -13.17 19.33
CA ARG A 229 11.90 -12.59 20.33
C ARG A 229 11.95 -13.47 21.58
N ARG A 230 12.16 -12.85 22.74
CA ARG A 230 12.40 -13.59 23.99
C ARG A 230 11.37 -14.69 24.29
N ILE A 231 11.82 -15.69 25.05
CA ILE A 231 11.03 -16.90 25.26
C ILE A 231 9.83 -16.63 26.16
N HIS A 232 10.10 -16.23 27.39
CA HIS A 232 9.07 -15.98 28.38
C HIS A 232 8.71 -14.51 28.42
N ASN A 233 7.42 -14.22 28.30
CA ASN A 233 6.89 -12.89 28.55
C ASN A 233 5.62 -13.01 29.40
N PRO A 234 5.79 -13.25 30.71
CA PRO A 234 4.66 -13.29 31.63
C PRO A 234 4.01 -11.91 31.80
N PHE A 235 4.80 -10.85 31.63
CA PHE A 235 4.28 -9.49 31.61
C PHE A 235 3.08 -9.41 30.69
N ALA A 236 3.22 -10.01 29.52
CA ALA A 236 2.10 -10.23 28.61
C ALA A 236 0.93 -10.88 29.37
N ALA A 237 1.18 -12.08 29.91
CA ALA A 237 0.15 -12.82 30.65
C ALA A 237 -0.54 -12.00 31.76
N ILE A 238 0.25 -11.40 32.66
CA ILE A 238 -0.34 -10.59 33.76
C ILE A 238 -1.28 -9.55 33.19
N ILE A 239 -0.73 -8.76 32.27
CA ILE A 239 -1.45 -7.64 31.70
C ILE A 239 -2.64 -8.17 30.91
N SER A 240 -2.38 -9.17 30.07
CA SER A 240 -3.44 -9.81 29.29
C SER A 240 -4.60 -10.25 30.17
N ASN A 241 -4.31 -10.74 31.37
CA ASN A 241 -5.35 -11.12 32.31
C ASN A 241 -6.08 -9.91 32.92
N LEU A 242 -5.32 -8.87 33.29
CA LEU A 242 -5.93 -7.61 33.74
C LEU A 242 -6.90 -7.07 32.68
N MET A 243 -6.55 -7.26 31.42
CA MET A 243 -7.42 -6.86 30.32
C MET A 243 -8.66 -7.74 30.26
N SER A 244 -8.48 -9.05 30.47
CA SER A 244 -9.62 -9.98 30.55
C SER A 244 -10.56 -9.55 31.67
N GLU A 245 -10.00 -9.24 32.83
CA GLU A 245 -10.82 -8.82 33.97
C GLU A 245 -11.56 -7.50 33.71
N THR A 246 -10.85 -6.52 33.13
CA THR A 246 -11.46 -5.25 32.79
C THR A 246 -12.56 -5.41 31.75
N GLU A 247 -12.33 -6.29 30.77
CA GLU A 247 -13.36 -6.63 29.80
C GLU A 247 -14.53 -7.28 30.53
N ALA A 248 -14.22 -8.18 31.44
CA ALA A 248 -15.22 -8.84 32.29
C ALA A 248 -16.08 -7.78 32.96
N LEU A 249 -15.43 -6.85 33.64
CA LEU A 249 -16.14 -5.73 34.28
C LEU A 249 -16.97 -4.99 33.25
N MET A 250 -16.30 -4.47 32.23
CA MET A 250 -16.95 -3.70 31.17
C MET A 250 -18.27 -4.34 30.76
N ARG A 251 -18.23 -5.64 30.51
CA ARG A 251 -19.40 -6.39 30.10
C ARG A 251 -20.48 -6.37 31.18
N THR A 252 -20.08 -6.51 32.44
CA THR A 252 -21.03 -6.39 33.55
C THR A 252 -21.85 -5.09 33.46
N ILE A 253 -21.21 -3.98 33.07
CA ILE A 253 -21.92 -2.69 33.00
C ILE A 253 -22.71 -2.46 31.70
N TYR A 254 -22.26 -3.07 30.59
CA TYR A 254 -22.89 -2.83 29.27
C TYR A 254 -23.26 -4.15 28.59
N SER A 255 -24.56 -4.34 28.34
CA SER A 255 -25.08 -5.55 27.69
C SER A 255 -24.89 -5.48 26.18
N LYS A 265 -9.83 -12.27 20.69
CA LYS A 265 -9.40 -11.97 22.05
C LYS A 265 -7.87 -11.93 22.17
N ASP A 266 -7.17 -11.69 21.06
CA ASP A 266 -5.69 -11.62 21.08
C ASP A 266 -5.20 -10.19 21.31
N PHE A 267 -4.73 -9.96 22.53
CA PHE A 267 -4.36 -8.64 23.02
C PHE A 267 -3.01 -8.21 22.48
N GLY A 268 -2.76 -6.91 22.49
CA GLY A 268 -1.49 -6.35 22.02
C GLY A 268 -1.34 -6.50 20.52
N THR A 269 -2.36 -6.04 19.79
CA THR A 269 -2.38 -6.11 18.34
C THR A 269 -2.95 -4.81 17.80
N GLN A 270 -2.74 -4.55 16.51
CA GLN A 270 -3.39 -3.43 15.86
C GLN A 270 -4.89 -3.69 15.85
N ASN A 271 -5.27 -4.95 15.61
CA ASN A 271 -6.68 -5.35 15.65
C ASN A 271 -7.37 -4.82 16.91
N TYR A 272 -6.75 -5.04 18.06
CA TYR A 272 -7.33 -4.63 19.33
C TYR A 272 -7.54 -3.11 19.42
N GLU A 273 -6.54 -2.33 18.99
CA GLU A 273 -6.68 -0.88 18.96
C GLU A 273 -7.81 -0.44 18.05
N HIS A 274 -8.05 -1.22 17.00
CA HIS A 274 -9.16 -0.94 16.08
C HIS A 274 -10.46 -1.07 16.84
N TRP A 275 -10.68 -2.25 17.41
CA TRP A 275 -11.87 -2.51 18.22
C TRP A 275 -12.13 -1.46 19.26
N ILE A 276 -11.08 -1.00 19.92
CA ILE A 276 -11.24 0.03 20.93
C ILE A 276 -11.80 1.29 20.30
N VAL A 277 -11.31 1.67 19.12
CA VAL A 277 -11.78 2.88 18.43
C VAL A 277 -13.22 2.71 17.94
N VAL A 278 -13.51 1.51 17.42
CA VAL A 278 -14.87 1.09 17.06
C VAL A 278 -15.83 1.15 18.25
N THR A 279 -15.53 0.37 19.29
CA THR A 279 -16.33 0.33 20.50
C THR A 279 -16.51 1.72 21.10
N GLN A 280 -15.43 2.50 21.14
CA GLN A 280 -15.52 3.86 21.67
C GLN A 280 -16.49 4.75 20.90
N ARG A 281 -16.76 4.43 19.63
CA ARG A 281 -17.76 5.17 18.85
C ARG A 281 -19.17 4.74 19.20
N LYS A 282 -19.37 3.44 19.40
CA LYS A 282 -20.65 2.92 19.86
C LYS A 282 -21.09 3.47 21.22
N CYS A 283 -20.12 3.81 22.07
CA CYS A 283 -20.39 4.25 23.44
C CYS A 283 -20.64 5.75 23.55
N ARG A 284 -19.98 6.56 22.72
CA ARG A 284 -20.28 8.00 22.61
C ARG A 284 -21.76 8.14 22.30
N LEU A 285 -22.16 7.32 21.33
CA LEU A 285 -23.52 7.27 20.78
C LEU A 285 -24.63 7.19 21.83
N LEU A 286 -24.91 5.97 22.29
CA LEU A 286 -26.10 5.65 23.09
C LEU A 286 -27.36 6.46 22.73
N ASP A 290 -33.47 7.45 29.38
CA ASP A 290 -33.01 8.12 30.59
C ASP A 290 -31.58 8.65 30.40
N LYS A 291 -31.48 9.94 30.07
CA LYS A 291 -30.19 10.54 29.71
C LYS A 291 -29.23 10.73 30.88
N GLU A 292 -29.71 10.54 32.11
CA GLU A 292 -28.82 10.41 33.28
C GLU A 292 -28.26 8.99 33.36
N GLU A 293 -29.07 8.00 32.98
CA GLU A 293 -28.62 6.62 32.86
C GLU A 293 -27.59 6.52 31.73
N GLU A 294 -28.01 6.93 30.54
CA GLU A 294 -27.20 6.93 29.31
C GLU A 294 -25.80 7.49 29.58
N SER A 295 -25.76 8.68 30.16
CA SER A 295 -24.52 9.36 30.51
C SER A 295 -23.55 8.47 31.29
N ARG A 296 -24.06 7.87 32.36
CA ARG A 296 -23.22 7.17 33.32
C ARG A 296 -22.61 5.89 32.74
N ILE A 297 -23.36 5.19 31.90
CA ILE A 297 -22.82 4.03 31.20
C ILE A 297 -21.74 4.45 30.20
N CYS A 298 -21.92 5.62 29.59
CA CYS A 298 -20.93 6.15 28.65
C CYS A 298 -19.59 6.35 29.35
N ARG A 299 -19.55 7.29 30.28
CA ARG A 299 -18.35 7.52 31.09
C ARG A 299 -17.73 6.19 31.44
N ALA A 300 -18.53 5.34 32.06
CA ALA A 300 -18.07 4.05 32.55
C ALA A 300 -17.36 3.28 31.45
N LEU A 301 -17.97 3.24 30.27
CA LEU A 301 -17.42 2.47 29.15
C LEU A 301 -16.21 3.15 28.52
N PHE A 302 -16.25 4.48 28.42
CA PHE A 302 -15.10 5.26 27.96
C PHE A 302 -13.89 4.96 28.83
N ILE A 303 -14.08 5.01 30.15
CA ILE A 303 -13.00 4.73 31.10
C ILE A 303 -12.45 3.32 30.94
N CYS A 304 -13.32 2.35 30.68
CA CYS A 304 -12.91 0.96 30.55
C CYS A 304 -12.11 0.73 29.26
N THR A 305 -12.53 1.38 28.18
CA THR A 305 -11.85 1.26 26.89
C THR A 305 -10.49 1.96 26.94
N GLU A 306 -10.46 3.16 27.52
CA GLU A 306 -9.20 3.90 27.70
C GLU A 306 -8.14 3.08 28.41
N HIS A 307 -8.55 2.46 29.52
CA HIS A 307 -7.64 1.63 30.30
C HIS A 307 -7.18 0.42 29.54
N LEU A 308 -8.07 -0.20 28.80
CA LEU A 308 -7.70 -1.35 27.95
C LEU A 308 -6.70 -0.94 26.88
N ARG A 309 -6.88 0.24 26.32
CA ARG A 309 -5.98 0.75 25.29
C ARG A 309 -4.58 0.92 25.84
N LYS A 310 -4.47 1.56 27.00
CA LYS A 310 -3.18 1.73 27.66
C LYS A 310 -2.55 0.37 27.95
N TYR A 311 -3.36 -0.59 28.37
CA TYR A 311 -2.83 -1.91 28.55
C TYR A 311 -2.28 -2.39 27.21
N ASN A 312 -3.12 -2.31 26.18
CA ASN A 312 -2.75 -2.75 24.83
C ASN A 312 -1.45 -2.12 24.35
N ASP A 313 -1.33 -0.80 24.54
CA ASP A 313 -0.10 -0.08 24.20
C ASP A 313 1.11 -0.69 24.88
N ALA A 314 1.06 -0.76 26.21
CA ALA A 314 2.10 -1.39 27.02
C ALA A 314 2.50 -2.79 26.52
N LEU A 315 1.52 -3.62 26.19
CA LEU A 315 1.82 -4.94 25.62
C LEU A 315 2.68 -4.81 24.36
N ILE A 316 2.32 -3.85 23.50
CA ILE A 316 3.07 -3.60 22.29
C ILE A 316 4.47 -3.07 22.63
N ILE A 317 4.57 -2.16 23.59
CA ILE A 317 5.86 -1.64 24.03
C ILE A 317 6.76 -2.77 24.54
N SER A 318 6.18 -3.71 25.28
CA SER A 318 6.95 -4.82 25.83
C SER A 318 7.46 -5.73 24.71
N GLU A 319 6.59 -6.10 23.78
CA GLU A 319 6.98 -6.98 22.67
C GLU A 319 8.22 -6.46 21.90
N ASP A 320 8.33 -5.14 21.76
CA ASP A 320 9.35 -4.52 20.92
C ASP A 320 10.39 -3.67 21.68
N ALA A 321 10.19 -3.49 22.99
CA ALA A 321 11.12 -2.70 23.80
C ALA A 321 11.42 -3.40 25.12
N ARG A 322 12.04 -2.66 26.05
CA ARG A 322 12.32 -3.18 27.38
C ARG A 322 11.02 -3.21 28.17
N ILE A 323 10.89 -4.16 29.08
CA ILE A 323 9.71 -4.22 29.95
C ILE A 323 9.65 -3.02 30.92
N ILE A 324 10.80 -2.41 31.21
CA ILE A 324 10.84 -1.19 32.03
C ILE A 324 10.15 -0.03 31.32
N ASP A 325 10.10 -0.08 29.99
CA ASP A 325 9.41 0.94 29.21
C ASP A 325 7.89 0.77 29.30
N ALA A 326 7.43 -0.47 29.19
CA ALA A 326 6.00 -0.78 29.27
C ALA A 326 5.42 -0.48 30.65
N LEU A 327 6.11 -0.91 31.69
CA LEU A 327 5.69 -0.63 33.07
C LEU A 327 5.77 0.88 33.34
N SER A 328 6.80 1.53 32.79
CA SER A 328 6.96 2.96 32.95
C SER A 328 5.77 3.69 32.34
N TYR A 329 5.44 3.34 31.09
CA TYR A 329 4.28 3.88 30.38
C TYR A 329 3.01 3.83 31.24
N LEU A 330 2.78 2.69 31.87
CA LEU A 330 1.59 2.46 32.68
C LEU A 330 1.65 3.21 34.00
N THR A 331 2.80 3.16 34.65
CA THR A 331 3.00 3.91 35.90
C THR A 331 2.63 5.37 35.70
N GLU A 332 3.12 5.94 34.61
CA GLU A 332 2.83 7.31 34.25
C GLU A 332 1.33 7.52 34.07
N PHE A 333 0.69 6.59 33.37
CA PHE A 333 -0.75 6.66 33.12
C PHE A 333 -1.53 6.76 34.43
N PHE A 334 -1.35 5.77 35.29
CA PHE A 334 -2.14 5.67 36.53
C PHE A 334 -1.87 6.85 37.47
N THR A 335 -0.66 7.38 37.44
CA THR A 335 -0.37 8.63 38.16
C THR A 335 -1.36 9.71 37.72
N ASN A 336 -1.51 9.88 36.40
CA ASN A 336 -2.43 10.88 35.87
C ASN A 336 -3.87 10.59 36.23
N VAL A 337 -4.21 9.31 36.32
CA VAL A 337 -5.54 8.89 36.71
C VAL A 337 -5.74 9.16 38.21
N LYS A 338 -4.70 8.87 38.99
CA LYS A 338 -4.68 9.20 40.42
C LYS A 338 -4.85 10.70 40.64
N ASN A 339 -4.25 11.50 39.76
CA ASN A 339 -4.27 12.96 39.87
C ASN A 339 -5.50 13.62 39.26
N GLY A 340 -6.18 12.90 38.37
CA GLY A 340 -7.38 13.42 37.71
C GLY A 340 -8.62 13.41 38.60
N PRO A 341 -9.82 13.46 37.99
CA PRO A 341 -11.10 13.32 38.69
C PRO A 341 -11.11 12.12 39.64
N TYR A 342 -10.64 10.97 39.13
CA TYR A 342 -10.38 9.76 39.93
C TYR A 342 -11.67 9.11 40.42
N THR A 343 -12.56 8.83 39.47
CA THR A 343 -13.86 8.19 39.71
C THR A 343 -13.73 6.88 40.48
N GLU A 344 -14.81 6.49 41.16
CA GLU A 344 -14.88 5.18 41.81
C GLU A 344 -14.37 4.09 40.88
N LEU A 345 -14.88 4.08 39.65
CA LEU A 345 -14.46 3.11 38.66
C LEU A 345 -12.95 3.19 38.39
N GLU A 346 -12.41 4.40 38.40
CA GLU A 346 -10.99 4.59 38.15
C GLU A 346 -10.16 4.17 39.33
N GLN A 347 -10.63 4.51 40.54
CA GLN A 347 -9.99 4.05 41.78
C GLN A 347 -9.83 2.54 41.74
N HIS A 348 -10.94 1.85 41.49
CA HIS A 348 -10.93 0.40 41.37
C HIS A 348 -9.86 -0.08 40.44
N LEU A 349 -9.91 0.39 39.21
CA LEU A 349 -9.01 -0.09 38.16
C LEU A 349 -7.55 0.19 38.46
N THR A 350 -7.28 1.33 39.10
CA THR A 350 -5.93 1.61 39.58
C THR A 350 -5.57 0.60 40.68
N ALA A 351 -6.51 0.45 41.61
CA ALA A 351 -6.38 -0.53 42.70
C ALA A 351 -6.00 -1.90 42.16
N LYS A 352 -6.78 -2.39 41.20
CA LYS A 352 -6.59 -3.73 40.65
C LYS A 352 -5.27 -3.84 39.87
N PHE A 353 -4.75 -2.71 39.39
CA PHE A 353 -3.44 -2.68 38.73
C PHE A 353 -2.32 -2.79 39.75
N GLN A 354 -2.45 -2.05 40.85
CA GLN A 354 -1.43 -2.02 41.89
C GLN A 354 -1.29 -3.37 42.61
N GLU A 355 -2.41 -4.08 42.76
CA GLU A 355 -2.40 -5.48 43.21
C GLU A 355 -1.36 -6.35 42.46
N LYS A 356 -1.16 -6.08 41.17
CA LYS A 356 -0.14 -6.78 40.36
C LYS A 356 1.16 -6.00 40.19
N GLU A 357 1.18 -4.73 40.59
CA GLU A 357 2.35 -3.88 40.31
C GLU A 357 3.67 -4.46 40.84
N PRO A 358 3.72 -4.94 42.11
CA PRO A 358 4.93 -5.57 42.62
C PRO A 358 5.50 -6.61 41.66
N GLU A 359 4.67 -7.60 41.30
CA GLU A 359 5.06 -8.67 40.38
C GLU A 359 5.68 -8.08 39.11
N LEU A 360 5.09 -7.00 38.60
CA LEU A 360 5.57 -6.35 37.38
C LEU A 360 6.85 -5.58 37.67
N ILE A 361 6.89 -4.86 38.80
CA ILE A 361 8.11 -4.12 39.20
C ILE A 361 9.29 -5.09 39.30
N ALA A 362 8.99 -6.33 39.68
CA ALA A 362 9.98 -7.41 39.73
C ALA A 362 10.62 -7.70 38.37
N LEU A 363 9.79 -7.82 37.34
CA LEU A 363 10.25 -8.18 36.00
C LEU A 363 11.01 -7.04 35.31
N SER A 364 10.76 -5.80 35.76
CA SER A 364 11.47 -4.63 35.25
C SER A 364 12.97 -4.75 35.49
N LYS A 365 13.32 -5.04 36.74
CA LYS A 365 14.69 -4.99 37.23
C LYS A 365 15.55 -6.14 36.70
N ASP A 366 14.93 -7.31 36.53
CA ASP A 366 15.60 -8.52 36.04
C ASP A 366 17.02 -8.31 35.50
N GLU A 367 17.12 -7.54 34.40
CA GLU A 367 18.36 -7.35 33.66
C GLU A 367 18.69 -8.56 32.78
N THR A 368 18.23 -9.74 33.20
CA THR A 368 18.33 -10.95 32.39
C THR A 368 17.24 -10.97 31.31
N ASN A 369 16.00 -10.69 31.72
CA ASN A 369 14.86 -10.68 30.82
C ASN A 369 14.68 -9.32 30.11
N GLU A 370 15.58 -9.05 29.17
CA GLU A 370 15.52 -7.86 28.32
C GLU A 370 15.35 -8.31 26.88
N ASN A 371 14.84 -7.41 26.05
CA ASN A 371 14.39 -7.76 24.70
C ASN A 371 15.53 -7.94 23.70
N PRO A 372 15.72 -9.17 23.18
CA PRO A 372 16.76 -9.42 22.18
C PRO A 372 16.43 -8.84 20.81
N LYS A 373 15.15 -8.61 20.53
CA LYS A 373 14.76 -7.87 19.35
C LYS A 373 15.42 -6.49 19.38
N LEU A 374 15.41 -5.88 20.55
CA LEU A 374 16.05 -4.58 20.73
C LEU A 374 17.55 -4.70 20.58
N GLU A 375 18.12 -5.78 21.12
CA GLU A 375 19.55 -5.99 21.03
C GLU A 375 20.01 -5.92 19.58
N GLU A 376 19.43 -6.75 18.72
CA GLU A 376 19.77 -6.72 17.29
C GLU A 376 19.47 -5.37 16.64
N LEU A 377 18.44 -4.66 17.10
CA LEU A 377 18.18 -3.30 16.61
C LEU A 377 19.37 -2.40 16.89
N VAL A 378 19.83 -2.44 18.13
CA VAL A 378 21.00 -1.66 18.55
C VAL A 378 22.28 -2.20 17.89
N CYS A 379 22.37 -3.53 17.81
CA CYS A 379 23.50 -4.22 17.16
C CYS A 379 23.64 -3.83 15.69
N ILE A 380 22.51 -3.76 15.00
CA ILE A 380 22.44 -3.22 13.64
C ILE A 380 22.87 -1.76 13.63
N LEU A 381 22.32 -0.98 14.57
CA LEU A 381 22.63 0.45 14.67
C LEU A 381 24.11 0.71 14.96
N ASP A 382 24.75 -0.20 15.70
CA ASP A 382 26.16 -0.04 16.03
C ASP A 382 27.03 -0.24 14.78
N ASP A 383 26.87 -1.37 14.11
CA ASP A 383 27.65 -1.67 12.90
C ASP A 383 27.27 -0.75 11.73
N ALA A 384 26.05 -0.21 11.73
CA ALA A 384 25.65 0.76 10.73
C ALA A 384 26.40 2.07 10.91
N TYR A 385 26.63 2.46 12.17
CA TYR A 385 27.38 3.68 12.49
C TYR A 385 28.91 3.47 12.52
N ARG A 386 29.37 2.29 12.15
CA ARG A 386 30.81 2.00 12.05
C ARG A 386 31.32 2.09 10.61
N TYR A 387 30.57 1.54 9.66
CA TYR A 387 30.93 1.63 8.24
C TYR A 387 30.67 3.03 7.68
N ASN A 388 29.89 3.82 8.40
CA ASN A 388 29.55 5.19 8.00
C ASN A 388 29.01 5.98 9.21
N PRO A 389 29.92 6.48 10.08
CA PRO A 389 29.53 7.26 11.26
C PRO A 389 28.77 8.57 10.98
N GLN A 390 28.80 9.03 9.74
CA GLN A 390 28.07 10.24 9.32
C GLN A 390 26.65 9.93 8.82
N THR A 391 26.10 8.79 9.23
CA THR A 391 24.79 8.34 8.75
C THR A 391 23.65 9.08 9.43
N ARG A 392 22.61 9.40 8.65
CA ARG A 392 21.38 9.99 9.16
C ARG A 392 20.25 8.96 9.08
N THR A 393 20.05 8.23 10.19
CA THR A 393 19.17 7.06 10.22
C THR A 393 17.72 7.41 10.58
N LEU A 394 16.79 6.83 9.82
CA LEU A 394 15.37 7.07 9.99
C LEU A 394 14.68 5.76 10.46
N LEU A 395 14.50 5.64 11.77
CA LEU A 395 13.93 4.43 12.39
C LEU A 395 12.41 4.54 12.48
N PHE A 396 11.71 3.53 11.97
CA PHE A 396 10.25 3.55 11.93
C PHE A 396 9.65 2.57 12.95
N ALA A 397 9.18 3.13 14.07
CA ALA A 397 8.54 2.35 15.13
C ALA A 397 7.12 1.96 14.74
N LYS A 398 6.57 1.00 15.49
CA LYS A 398 5.26 0.42 15.20
C LYS A 398 4.10 1.26 15.77
N THR A 399 4.38 2.11 16.76
CA THR A 399 3.37 2.95 17.42
C THR A 399 4.01 4.21 17.98
N ARG A 400 3.18 5.20 18.34
CA ARG A 400 3.68 6.43 18.96
C ARG A 400 4.35 6.14 20.29
N ALA A 401 3.73 5.28 21.10
CA ALA A 401 4.23 4.96 22.43
C ALA A 401 5.59 4.26 22.37
N LEU A 402 5.82 3.50 21.30
CA LEU A 402 7.13 2.88 21.05
C LEU A 402 8.22 3.92 20.77
N VAL A 403 7.85 5.01 20.10
CA VAL A 403 8.83 6.04 19.77
C VAL A 403 9.44 6.64 21.03
N SER A 404 8.59 6.98 22.00
CA SER A 404 9.10 7.52 23.26
C SER A 404 9.89 6.48 24.06
N ALA A 405 9.48 5.22 23.97
CA ALA A 405 10.17 4.13 24.67
C ALA A 405 11.53 3.87 24.03
N LEU A 406 11.55 3.83 22.71
CA LEU A 406 12.79 3.68 21.96
C LEU A 406 13.68 4.91 22.14
N LYS A 407 13.07 6.08 22.18
CA LYS A 407 13.80 7.32 22.45
C LYS A 407 14.55 7.23 23.78
N LYS A 408 13.87 6.79 24.84
CA LYS A 408 14.51 6.54 26.13
C LYS A 408 15.70 5.58 26.00
N CYS A 409 15.47 4.46 25.32
CA CYS A 409 16.49 3.41 25.20
C CYS A 409 17.80 3.87 24.59
N MET A 410 17.73 4.67 23.53
CA MET A 410 18.94 5.17 22.88
C MET A 410 19.76 6.05 23.82
N GLU A 411 19.05 6.74 24.72
CA GLU A 411 19.69 7.63 25.71
C GLU A 411 20.21 6.90 26.94
N GLU A 412 19.98 5.59 27.03
CA GLU A 412 20.44 4.79 28.17
C GLU A 412 21.35 3.64 27.72
N ASN A 413 21.78 3.64 26.45
CA ASN A 413 22.55 2.54 25.90
C ASN A 413 24.07 2.80 25.97
N PRO A 414 24.84 1.86 26.54
CA PRO A 414 26.32 1.90 26.47
C PRO A 414 26.87 1.87 25.03
N ILE A 415 26.21 1.13 24.14
CA ILE A 415 26.63 1.01 22.75
C ILE A 415 26.33 2.28 21.95
N LEU A 416 25.10 2.78 22.05
CA LEU A 416 24.72 4.08 21.47
C LEU A 416 24.88 5.20 22.50
N ASN A 417 26.06 5.24 23.12
CA ASN A 417 26.46 6.31 24.03
C ASN A 417 26.89 7.53 23.22
N TYR A 418 27.40 7.26 22.02
CA TYR A 418 27.79 8.30 21.08
C TYR A 418 26.59 9.08 20.52
N ILE A 419 25.47 8.39 20.28
CA ILE A 419 24.35 8.95 19.50
C ILE A 419 23.22 9.57 20.31
N LYS A 420 22.83 10.79 19.91
CA LYS A 420 21.63 11.46 20.44
C LYS A 420 20.56 11.48 19.33
N PRO A 421 19.39 10.85 19.58
CA PRO A 421 18.32 10.81 18.57
C PRO A 421 17.46 12.08 18.47
N GLY A 422 16.40 11.99 17.66
CA GLY A 422 15.39 13.03 17.54
C GLY A 422 14.07 12.40 17.15
N VAL A 423 12.96 13.13 17.31
CA VAL A 423 11.63 12.57 17.07
C VAL A 423 10.93 13.25 15.89
N ASN A 454 21.59 15.81 15.95
CA ASN A 454 20.64 14.71 15.86
C ASN A 454 20.85 13.89 14.59
N ARG A 455 21.59 12.79 14.69
CA ARG A 455 21.91 11.93 13.55
C ARG A 455 20.99 10.71 13.44
N LEU A 456 20.01 10.62 14.34
CA LEU A 456 19.02 9.54 14.32
C LEU A 456 17.61 10.11 14.52
N LEU A 457 16.65 9.61 13.76
CA LEU A 457 15.27 10.06 13.85
C LEU A 457 14.32 8.87 14.04
N ILE A 458 13.75 8.74 15.22
CA ILE A 458 12.70 7.76 15.49
C ILE A 458 11.36 8.37 15.10
N ALA A 459 10.70 7.77 14.12
CA ALA A 459 9.36 8.21 13.71
C ALA A 459 8.42 7.00 13.67
N THR A 460 7.16 7.24 13.36
CA THR A 460 6.16 6.18 13.31
C THR A 460 5.45 6.17 11.96
N SER A 461 4.80 5.06 11.65
CA SER A 461 3.99 4.95 10.44
C SER A 461 2.71 5.78 10.60
N ASN A 473 18.86 8.93 4.83
CA ASN A 473 20.08 8.23 4.44
C ASN A 473 19.97 6.70 4.59
N LEU A 474 19.39 6.26 5.71
CA LEU A 474 19.13 4.84 5.96
C LEU A 474 17.79 4.65 6.67
N VAL A 475 17.00 3.70 6.17
CA VAL A 475 15.64 3.44 6.69
C VAL A 475 15.59 2.11 7.44
N VAL A 476 15.18 2.14 8.70
CA VAL A 476 15.00 0.92 9.49
C VAL A 476 13.53 0.72 9.81
N LEU A 477 12.93 -0.32 9.23
CA LEU A 477 11.55 -0.71 9.54
C LEU A 477 11.53 -1.70 10.69
N TYR A 478 11.39 -1.17 11.91
CA TYR A 478 11.44 -1.98 13.13
C TYR A 478 10.10 -2.65 13.39
N GLU A 479 9.99 -3.89 12.91
CA GLU A 479 8.73 -4.64 12.92
C GLU A 479 7.64 -3.90 12.15
N TYR A 480 7.75 -3.91 10.82
CA TYR A 480 6.70 -3.39 9.96
C TYR A 480 5.96 -4.55 9.30
N SER A 481 4.73 -4.77 9.74
CA SER A 481 3.89 -5.84 9.22
C SER A 481 3.09 -5.31 8.03
N GLY A 482 3.70 -5.36 6.85
CA GLY A 482 3.05 -4.88 5.63
C GLY A 482 4.00 -4.74 4.45
N ASN A 483 3.41 -4.55 3.27
CA ASN A 483 4.18 -4.32 2.04
C ASN A 483 5.25 -3.23 2.19
N VAL A 484 6.50 -3.63 2.01
CA VAL A 484 7.65 -2.78 2.31
C VAL A 484 7.93 -1.78 1.19
N THR A 485 7.88 -2.25 -0.06
CA THR A 485 8.19 -1.42 -1.23
C THR A 485 7.32 -0.16 -1.25
N LYS A 486 6.08 -0.29 -0.81
CA LYS A 486 5.20 0.85 -0.60
C LYS A 486 5.78 1.83 0.41
N MET A 487 6.03 1.34 1.62
CA MET A 487 6.45 2.19 2.75
C MET A 487 7.70 3.00 2.44
N ILE A 488 8.60 2.42 1.63
CA ILE A 488 9.81 3.10 1.15
C ILE A 488 9.48 4.39 0.42
N GLN A 489 8.38 4.38 -0.34
CA GLN A 489 7.96 5.52 -1.15
C GLN A 489 7.48 6.72 -0.31
N VAL A 490 6.97 6.46 0.90
CA VAL A 490 6.49 7.52 1.80
C VAL A 490 7.65 8.36 2.35
N SER A 499 20.25 4.96 -0.94
CA SER A 499 19.28 3.89 -1.10
C SER A 499 19.64 2.68 -0.22
N LYS A 500 19.09 2.65 1.00
CA LYS A 500 19.42 1.60 1.97
C LYS A 500 18.26 1.36 2.95
N CYS A 501 17.74 0.14 2.96
CA CYS A 501 16.58 -0.21 3.79
C CYS A 501 16.73 -1.54 4.51
N ILE A 502 16.42 -1.57 5.80
CA ILE A 502 16.47 -2.79 6.61
C ILE A 502 15.13 -3.02 7.33
N LEU A 503 14.52 -4.18 7.08
CA LEU A 503 13.27 -4.54 7.73
C LEU A 503 13.53 -5.57 8.82
N VAL A 504 13.51 -5.12 10.07
CA VAL A 504 13.71 -6.00 11.22
C VAL A 504 12.40 -6.63 11.66
N THR A 505 12.42 -7.95 11.86
CA THR A 505 11.20 -8.68 12.22
C THR A 505 11.49 -9.81 13.19
N SER A 506 10.45 -10.26 13.87
CA SER A 506 10.47 -11.52 14.61
C SER A 506 9.50 -12.52 13.98
N LYS A 507 8.45 -12.00 13.35
CA LYS A 507 7.49 -12.82 12.65
C LYS A 507 8.12 -13.41 11.39
N THR A 508 8.18 -14.74 11.35
CA THR A 508 8.63 -15.46 10.16
C THR A 508 7.71 -15.19 8.98
N GLU A 509 6.41 -15.05 9.26
CA GLU A 509 5.40 -14.72 8.26
C GLU A 509 5.82 -13.55 7.36
N VAL A 510 6.33 -12.49 7.99
CA VAL A 510 6.73 -11.27 7.28
C VAL A 510 7.95 -11.51 6.38
N VAL A 511 8.90 -12.30 6.87
CA VAL A 511 10.16 -12.57 6.17
C VAL A 511 9.94 -13.36 4.86
N GLU A 512 9.06 -14.36 4.92
CA GLU A 512 8.80 -15.20 3.75
C GLU A 512 7.98 -14.48 2.68
N ASN A 513 7.17 -13.52 3.08
CA ASN A 513 6.43 -12.70 2.11
C ASN A 513 7.35 -11.95 1.16
N GLU A 514 8.47 -11.44 1.67
CA GLU A 514 9.46 -10.76 0.85
C GLU A 514 9.98 -11.71 -0.22
N LYS A 515 10.41 -12.89 0.20
CA LYS A 515 10.94 -13.88 -0.71
C LYS A 515 9.88 -14.40 -1.67
N CYS A 516 8.63 -14.39 -1.21
CA CYS A 516 7.49 -14.77 -2.04
C CYS A 516 7.28 -13.76 -3.15
N ASN A 517 7.25 -12.48 -2.80
CA ASN A 517 7.07 -11.39 -3.76
C ASN A 517 8.21 -11.27 -4.75
N ARG A 518 9.45 -11.29 -4.25
CA ARG A 518 10.62 -11.28 -5.13
C ARG A 518 10.55 -12.43 -6.12
N TYR A 519 10.11 -13.60 -5.66
CA TYR A 519 10.03 -14.78 -6.51
C TYR A 519 8.90 -14.62 -7.52
N LYS A 520 7.77 -14.11 -7.06
CA LYS A 520 6.67 -13.78 -7.97
C LYS A 520 7.10 -12.76 -9.03
N GLU A 521 7.86 -11.74 -8.63
CA GLU A 521 8.45 -10.81 -9.58
C GLU A 521 9.32 -11.54 -10.57
N GLU A 522 10.20 -12.41 -10.06
CA GLU A 522 11.07 -13.23 -10.88
C GLU A 522 10.28 -13.92 -11.99
N MET A 523 9.14 -14.51 -11.63
CA MET A 523 8.31 -15.26 -12.58
C MET A 523 7.68 -14.37 -13.63
N MET A 524 7.15 -13.23 -13.20
CA MET A 524 6.52 -12.28 -14.10
C MET A 524 7.50 -11.89 -15.21
N ASN A 525 8.70 -11.47 -14.80
CA ASN A 525 9.70 -10.98 -15.76
C ASN A 525 10.06 -12.06 -16.76
N LYS A 526 10.39 -13.25 -16.27
CA LYS A 526 10.79 -14.34 -17.16
C LYS A 526 9.61 -14.79 -18.02
N ALA A 527 8.41 -14.78 -17.43
CA ALA A 527 7.18 -15.04 -18.18
C ALA A 527 7.01 -14.02 -19.33
N VAL A 528 7.15 -12.75 -18.99
CA VAL A 528 7.09 -11.68 -19.99
C VAL A 528 8.19 -11.86 -21.05
N GLU A 529 9.39 -12.25 -20.64
CA GLU A 529 10.48 -12.47 -21.59
C GLU A 529 10.10 -13.58 -22.57
N LYS A 530 9.66 -14.70 -22.01
CA LYS A 530 9.30 -15.85 -22.83
C LYS A 530 8.18 -15.49 -23.82
N ILE A 531 7.18 -14.74 -23.34
CA ILE A 531 6.10 -14.22 -24.20
C ILE A 531 6.65 -13.26 -25.25
N GLN A 532 7.47 -12.30 -24.82
CA GLN A 532 8.04 -11.32 -25.73
C GLN A 532 8.82 -11.99 -26.87
N LYS A 533 9.40 -13.16 -26.61
CA LYS A 533 10.18 -13.84 -27.67
C LYS A 533 9.34 -14.65 -28.66
N TRP A 534 8.02 -14.68 -28.49
CA TRP A 534 7.15 -15.34 -29.46
C TRP A 534 7.00 -14.54 -30.72
N ASP A 535 6.53 -15.21 -31.77
CA ASP A 535 6.23 -14.55 -33.04
C ASP A 535 5.02 -13.68 -32.82
N GLU A 536 4.87 -12.65 -33.65
CA GLU A 536 3.76 -11.72 -33.48
C GLU A 536 2.42 -12.36 -33.82
N GLU A 537 2.42 -13.26 -34.81
CA GLU A 537 1.21 -13.99 -35.17
C GLU A 537 0.87 -15.01 -34.09
N THR A 538 1.87 -15.77 -33.66
CA THR A 538 1.72 -16.72 -32.55
C THR A 538 1.01 -16.06 -31.37
N PHE A 539 1.54 -14.91 -30.97
CA PHE A 539 0.96 -14.12 -29.89
C PHE A 539 -0.51 -13.80 -30.21
N ALA A 540 -0.74 -13.17 -31.35
CA ALA A 540 -2.08 -12.78 -31.76
C ALA A 540 -3.07 -13.94 -31.61
N LYS A 541 -2.68 -15.12 -32.05
CA LYS A 541 -3.56 -16.29 -31.97
C LYS A 541 -3.88 -16.65 -30.54
N LYS A 542 -2.85 -16.70 -29.69
CA LYS A 542 -3.05 -17.01 -28.28
C LYS A 542 -4.14 -16.10 -27.71
N ILE A 543 -3.97 -14.80 -27.93
CA ILE A 543 -4.96 -13.82 -27.50
C ILE A 543 -6.30 -14.01 -28.19
N HIS A 544 -6.29 -14.05 -29.52
CA HIS A 544 -7.52 -14.19 -30.30
C HIS A 544 -8.34 -15.32 -29.75
N ASN A 545 -7.73 -16.50 -29.72
CA ASN A 545 -8.41 -17.69 -29.24
C ASN A 545 -8.95 -17.50 -27.82
N LEU A 546 -8.10 -17.02 -26.91
CA LEU A 546 -8.53 -16.72 -25.54
C LEU A 546 -9.74 -15.78 -25.51
N GLN A 547 -9.77 -14.80 -26.40
CA GLN A 547 -10.88 -13.85 -26.43
C GLN A 547 -12.15 -14.56 -26.89
N MET A 548 -12.01 -15.38 -27.93
CA MET A 548 -13.12 -16.17 -28.45
C MET A 548 -13.71 -17.07 -27.38
N LYS A 549 -12.83 -17.69 -26.59
CA LYS A 549 -13.23 -18.56 -25.48
C LYS A 549 -14.15 -17.83 -24.52
N GLU A 550 -13.74 -16.64 -24.11
CA GLU A 550 -14.58 -15.82 -23.26
C GLU A 550 -15.90 -15.56 -23.96
N ARG A 551 -15.84 -15.09 -25.20
CA ARG A 551 -17.05 -14.79 -25.98
C ARG A 551 -18.04 -15.93 -25.98
N VAL A 552 -17.54 -17.15 -26.12
CA VAL A 552 -18.38 -18.34 -26.07
C VAL A 552 -19.10 -18.46 -24.73
N LEU A 553 -18.41 -18.17 -23.63
CA LEU A 553 -19.03 -18.24 -22.29
C LEU A 553 -19.69 -16.92 -21.87
N ARG A 554 -20.03 -16.08 -22.85
CA ARG A 554 -20.79 -14.85 -22.60
C ARG A 554 -21.96 -14.73 -23.60
N ASP A 555 -22.64 -15.84 -23.83
CA ASP A 555 -23.86 -15.86 -24.64
C ASP A 555 -25.08 -15.67 -23.75
#